data_9GN5
#
_entry.id   9GN5
#
_cell.length_a   131.240
_cell.length_b   147.950
_cell.length_c   67.240
_cell.angle_alpha   90.00
_cell.angle_beta   90.00
_cell.angle_gamma   90.00
#
_symmetry.space_group_name_H-M   'C 2 2 2'
#
loop_
_entity.id
_entity.type
_entity.pdbx_description
1 polymer EpxF
2 non-polymer 'FLAVIN-ADENINE DINUCLEOTIDE'
3 non-polymer 'SULFATE ION'
4 non-polymer GLYCEROL
5 water water
#
_entity_poly.entity_id   1
_entity_poly.type   'polypeptide(L)'
_entity_poly.pdbx_seq_one_letter_code
;GSSIPGTTSFLEQLYVGRFRWDLIHPFPRQDEADRRVGDEVIAQLRQLIEDRVDPDVVDREARLPDGLVDELQKHGFLKA
RLGAEFGGLGLSHMNLFRLIEAAASWSVPVALVMAIENSVGVGPMHAHLPAGPLRDLVEARLRAGTVSGTADTEPAGAAN
HRRFTTATPTEDGTGYLLNGEKLHVGNAPIAEVLIVSASVVEDGVEHRRMFIVDTDSPGLRITARHEFMGVKGFPNGGMV
FDNVFVPNERMVTNPPNDKARVTMEAVAMVIVGRLHMIVAPSLAIARQCLGWSREFVRARSIDGRPLGEYEEIQRRLAES
AADVFAIEAIAEWSLLCPHWSDGINPWYEQSAAKNIGSVLGWRVAERTMSLLAGEGYETASSKSARGAARPFPLERALRD
VRNFRISGGIDFQLDYWTSTIAIFTYYYPDPDNLAEIEANQVDLDSLVGSGLSERNERHLRHAAEQARKFSRLCRELSQR
YPDLAALSEHERKLILIGQLSNELLAVALVLARAARLAGDGQDRAQALADVFCTGAGHRIADIWHQLAEEETPDYRSAAA
ADGN
;
_entity_poly.pdbx_strand_id   A
#
# COMPACT_ATOMS: atom_id res chain seq x y z
N THR A 8 -17.94 -14.47 0.63
CA THR A 8 -18.31 -13.01 0.75
C THR A 8 -17.14 -12.26 1.41
N SER A 9 -17.32 -10.99 1.77
CA SER A 9 -16.25 -10.05 2.19
C SER A 9 -16.34 -9.73 3.68
N PHE A 10 -15.25 -9.92 4.44
CA PHE A 10 -15.17 -9.67 5.90
C PHE A 10 -15.41 -8.19 6.20
N LEU A 11 -14.70 -7.30 5.50
CA LEU A 11 -14.73 -5.83 5.71
C LEU A 11 -16.10 -5.28 5.30
N GLU A 12 -16.66 -5.80 4.20
CA GLU A 12 -18.02 -5.46 3.71
C GLU A 12 -19.06 -5.76 4.80
N GLN A 13 -18.93 -6.91 5.47
CA GLN A 13 -19.80 -7.33 6.58
C GLN A 13 -19.55 -6.43 7.80
N LEU A 14 -18.28 -6.07 8.04
CA LEU A 14 -17.85 -5.21 9.17
C LEU A 14 -18.58 -3.85 9.08
N TYR A 15 -18.74 -3.32 7.87
CA TYR A 15 -19.38 -2.00 7.60
C TYR A 15 -20.83 -2.01 8.11
N VAL A 16 -21.51 -3.17 8.09
CA VAL A 16 -22.91 -3.33 8.58
C VAL A 16 -22.91 -3.97 9.97
N GLY A 17 -21.76 -3.98 10.65
CA GLY A 17 -21.63 -4.27 12.09
C GLY A 17 -21.52 -5.75 12.40
N ARG A 18 -21.38 -6.62 11.39
CA ARG A 18 -21.17 -8.08 11.55
C ARG A 18 -19.67 -8.36 11.68
N PHE A 19 -19.27 -9.09 12.73
CA PHE A 19 -17.88 -9.57 12.95
C PHE A 19 -17.76 -11.03 12.51
N ARG A 20 -17.33 -11.25 11.27
CA ARG A 20 -17.28 -12.59 10.61
C ARG A 20 -15.96 -13.27 10.93
N TRP A 21 -15.80 -13.73 12.18
CA TRP A 21 -14.68 -14.57 12.65
C TRP A 21 -14.57 -15.83 11.78
N ASP A 22 -15.73 -16.37 11.34
CA ASP A 22 -15.84 -17.64 10.57
C ASP A 22 -15.19 -17.49 9.19
N LEU A 23 -15.12 -16.28 8.62
CA LEU A 23 -14.56 -16.04 7.26
C LEU A 23 -13.03 -15.99 7.32
N ILE A 24 -12.43 -15.70 8.48
CA ILE A 24 -10.96 -15.46 8.62
C ILE A 24 -10.31 -16.51 9.55
N HIS A 25 -11.09 -17.41 10.15
CA HIS A 25 -10.58 -18.47 11.08
C HIS A 25 -11.02 -19.85 10.58
N PRO A 26 -10.08 -20.81 10.36
CA PRO A 26 -8.65 -20.60 10.58
C PRO A 26 -8.00 -19.72 9.50
N PHE A 27 -7.09 -18.83 9.93
CA PHE A 27 -6.32 -17.92 9.05
C PHE A 27 -5.52 -18.76 8.05
N PRO A 28 -5.50 -18.39 6.75
CA PRO A 28 -4.74 -19.17 5.77
C PRO A 28 -3.23 -19.06 5.97
N ARG A 29 -2.48 -19.98 5.37
CA ARG A 29 -0.99 -19.99 5.33
C ARG A 29 -0.54 -20.35 3.91
N GLN A 30 0.55 -19.76 3.44
CA GLN A 30 1.09 -20.01 2.07
C GLN A 30 1.41 -21.49 1.93
N ASP A 31 1.10 -22.07 0.77
CA ASP A 31 1.45 -23.46 0.38
C ASP A 31 2.98 -23.60 0.47
N GLU A 32 3.46 -24.66 1.13
CA GLU A 32 4.89 -24.88 1.46
C GLU A 32 5.71 -24.98 0.17
N ALA A 33 5.22 -25.71 -0.84
CA ALA A 33 5.88 -25.85 -2.17
C ALA A 33 5.99 -24.48 -2.84
N ASP A 34 4.91 -23.69 -2.83
CA ASP A 34 4.87 -22.31 -3.39
C ASP A 34 5.91 -21.44 -2.67
N ARG A 35 5.96 -21.50 -1.33
CA ARG A 35 6.89 -20.67 -0.51
C ARG A 35 8.34 -21.04 -0.84
N ARG A 36 8.64 -22.33 -1.01
CA ARG A 36 10.01 -22.81 -1.36
C ARG A 36 10.40 -22.28 -2.75
N VAL A 37 9.44 -22.14 -3.68
CA VAL A 37 9.68 -21.53 -5.02
C VAL A 37 10.03 -20.06 -4.81
N GLY A 38 9.31 -19.36 -3.93
CA GLY A 38 9.63 -17.98 -3.50
C GLY A 38 11.04 -17.87 -2.96
N ASP A 39 11.41 -18.72 -2.00
CA ASP A 39 12.74 -18.76 -1.33
C ASP A 39 13.86 -18.75 -2.38
N GLU A 40 13.72 -19.57 -3.44
CA GLU A 40 14.75 -19.75 -4.51
C GLU A 40 14.88 -18.45 -5.30
N VAL A 41 13.77 -17.86 -5.75
CA VAL A 41 13.75 -16.63 -6.59
C VAL A 41 14.29 -15.45 -5.77
N ILE A 42 13.91 -15.36 -4.49
CA ILE A 42 14.34 -14.28 -3.56
C ILE A 42 15.86 -14.34 -3.41
N ALA A 43 16.41 -15.54 -3.18
CA ALA A 43 17.87 -15.80 -3.06
C ALA A 43 18.60 -15.28 -4.31
N GLN A 44 18.04 -15.50 -5.49
CA GLN A 44 18.63 -15.08 -6.80
C GLN A 44 18.66 -13.55 -6.89
N LEU A 45 17.57 -12.88 -6.54
CA LEU A 45 17.45 -11.40 -6.59
C LEU A 45 18.47 -10.78 -5.64
N ARG A 46 18.53 -11.27 -4.40
CA ARG A 46 19.47 -10.79 -3.34
C ARG A 46 20.90 -10.88 -3.85
N GLN A 47 21.30 -12.00 -4.45
CA GLN A 47 22.64 -12.20 -5.08
C GLN A 47 22.90 -11.06 -6.07
N LEU A 48 21.92 -10.78 -6.95
CA LEU A 48 22.03 -9.80 -8.06
C LEU A 48 22.21 -8.38 -7.51
N ILE A 49 21.25 -7.89 -6.70
CA ILE A 49 21.20 -6.46 -6.25
C ILE A 49 22.33 -6.17 -5.24
N GLU A 50 22.66 -7.14 -4.37
CA GLU A 50 23.75 -6.98 -3.36
C GLU A 50 25.10 -6.85 -4.08
N ASP A 51 25.25 -7.45 -5.27
CA ASP A 51 26.47 -7.37 -6.10
C ASP A 51 26.54 -5.99 -6.77
N ARG A 52 25.43 -5.53 -7.36
CA ARG A 52 25.41 -4.42 -8.35
C ARG A 52 24.92 -3.11 -7.73
N VAL A 53 24.20 -3.16 -6.61
CA VAL A 53 23.58 -1.95 -5.97
C VAL A 53 24.22 -1.69 -4.60
N ASP A 54 24.74 -0.47 -4.41
CA ASP A 54 25.12 0.09 -3.08
C ASP A 54 24.03 1.09 -2.69
N PRO A 55 23.12 0.75 -1.75
CA PRO A 55 21.95 1.57 -1.46
C PRO A 55 22.28 3.00 -0.97
N ASP A 56 23.36 3.15 -0.20
CA ASP A 56 23.83 4.44 0.35
C ASP A 56 24.25 5.36 -0.82
N VAL A 57 25.01 4.82 -1.78
CA VAL A 57 25.48 5.56 -3.00
C VAL A 57 24.26 5.99 -3.83
N VAL A 58 23.28 5.10 -3.98
CA VAL A 58 22.01 5.34 -4.75
C VAL A 58 21.26 6.51 -4.10
N ASP A 59 21.27 6.59 -2.77
CA ASP A 59 20.60 7.67 -1.99
C ASP A 59 21.39 8.98 -2.12
N ARG A 60 22.71 8.93 -1.95
CA ARG A 60 23.61 10.12 -1.97
C ARG A 60 23.65 10.75 -3.37
N GLU A 61 23.62 9.94 -4.43
CA GLU A 61 23.73 10.42 -5.84
C GLU A 61 22.34 10.53 -6.48
N ALA A 62 21.30 10.04 -5.81
CA ALA A 62 19.90 10.04 -6.29
C ALA A 62 19.82 9.42 -7.68
N ARG A 63 20.55 8.33 -7.92
CA ARG A 63 20.65 7.65 -9.24
C ARG A 63 20.88 6.15 -9.02
N LEU A 64 20.21 5.32 -9.81
CA LEU A 64 20.47 3.86 -9.91
C LEU A 64 21.73 3.64 -10.75
N PRO A 65 22.52 2.58 -10.49
CA PRO A 65 23.73 2.31 -11.27
C PRO A 65 23.34 1.86 -12.69
N ASP A 66 24.09 2.31 -13.69
CA ASP A 66 23.91 1.93 -15.12
C ASP A 66 23.97 0.40 -15.23
N GLY A 67 23.00 -0.20 -15.93
CA GLY A 67 22.98 -1.64 -16.27
C GLY A 67 22.03 -2.44 -15.39
N LEU A 68 21.50 -1.87 -14.30
CA LEU A 68 20.69 -2.62 -13.31
C LEU A 68 19.37 -3.08 -13.94
N VAL A 69 18.65 -2.17 -14.61
CA VAL A 69 17.32 -2.43 -15.21
C VAL A 69 17.45 -3.56 -16.24
N ASP A 70 18.53 -3.55 -17.03
CA ASP A 70 18.88 -4.61 -18.02
C ASP A 70 18.98 -5.96 -17.29
N GLU A 71 19.82 -6.04 -16.26
CA GLU A 71 20.18 -7.29 -15.55
C GLU A 71 18.92 -7.86 -14.87
N LEU A 72 18.09 -7.00 -14.29
CA LEU A 72 16.77 -7.36 -13.70
C LEU A 72 15.89 -7.96 -14.81
N GLN A 73 15.89 -7.34 -16.00
CA GLN A 73 15.10 -7.77 -17.18
C GLN A 73 15.56 -9.16 -17.66
N LYS A 74 16.87 -9.37 -17.76
CA LYS A 74 17.49 -10.62 -18.29
C LYS A 74 17.14 -11.83 -17.42
N HIS A 75 16.89 -11.62 -16.12
CA HIS A 75 16.63 -12.69 -15.12
C HIS A 75 15.13 -12.79 -14.79
N GLY A 76 14.28 -12.06 -15.54
CA GLY A 76 12.80 -12.21 -15.49
C GLY A 76 12.16 -11.52 -14.29
N PHE A 77 12.86 -10.61 -13.63
CA PHE A 77 12.40 -9.94 -12.39
C PHE A 77 11.42 -8.80 -12.73
N LEU A 78 11.40 -8.35 -13.98
CA LEU A 78 10.42 -7.35 -14.50
C LEU A 78 9.24 -8.06 -15.16
N LYS A 79 9.22 -9.40 -15.15
CA LYS A 79 8.14 -10.26 -15.70
C LYS A 79 7.87 -11.41 -14.73
N ALA A 80 7.87 -11.12 -13.43
CA ALA A 80 7.81 -12.11 -12.32
C ALA A 80 6.50 -12.92 -12.37
N ARG A 81 5.39 -12.31 -12.79
CA ARG A 81 4.05 -12.94 -12.76
C ARG A 81 3.66 -13.50 -14.14
N LEU A 82 4.49 -13.29 -15.17
CA LEU A 82 4.24 -13.80 -16.55
C LEU A 82 4.69 -15.26 -16.65
N GLY A 83 4.14 -16.01 -17.61
CA GLY A 83 4.47 -17.42 -17.86
C GLY A 83 5.80 -17.58 -18.58
N ALA A 84 6.26 -18.82 -18.75
CA ALA A 84 7.55 -19.19 -19.38
C ALA A 84 7.57 -18.71 -20.84
N GLU A 85 6.41 -18.73 -21.50
CA GLU A 85 6.17 -18.16 -22.86
C GLU A 85 6.89 -16.81 -23.02
N PHE A 86 6.75 -15.91 -22.03
CA PHE A 86 7.27 -14.51 -22.08
C PHE A 86 8.65 -14.40 -21.42
N GLY A 87 9.24 -15.52 -21.00
CA GLY A 87 10.47 -15.54 -20.19
C GLY A 87 10.22 -15.00 -18.78
N GLY A 88 9.03 -15.29 -18.24
CA GLY A 88 8.59 -14.87 -16.90
C GLY A 88 8.76 -15.98 -15.88
N LEU A 89 8.68 -15.62 -14.59
CA LEU A 89 8.95 -16.54 -13.44
C LEU A 89 7.65 -17.16 -12.93
N GLY A 90 6.50 -16.68 -13.41
CA GLY A 90 5.16 -17.23 -13.09
C GLY A 90 4.92 -17.33 -11.59
N LEU A 91 5.30 -16.30 -10.84
CA LEU A 91 5.14 -16.25 -9.36
C LEU A 91 3.68 -15.97 -8.99
N SER A 92 3.22 -16.57 -7.90
CA SER A 92 1.96 -16.19 -7.19
C SER A 92 2.07 -14.74 -6.72
N HIS A 93 0.94 -14.11 -6.38
CA HIS A 93 0.87 -12.74 -5.81
C HIS A 93 1.70 -12.70 -4.52
N MET A 94 1.52 -13.69 -3.65
CA MET A 94 2.22 -13.81 -2.34
C MET A 94 3.75 -13.76 -2.58
N ASN A 95 4.24 -14.44 -3.62
CA ASN A 95 5.70 -14.52 -3.91
C ASN A 95 6.19 -13.24 -4.58
N LEU A 96 5.36 -12.57 -5.41
CA LEU A 96 5.71 -11.25 -5.99
C LEU A 96 5.90 -10.25 -4.84
N PHE A 97 4.93 -10.19 -3.93
CA PHE A 97 4.96 -9.33 -2.72
C PHE A 97 6.27 -9.55 -1.96
N ARG A 98 6.63 -10.82 -1.73
CA ARG A 98 7.86 -11.23 -1.00
C ARG A 98 9.10 -10.81 -1.80
N LEU A 99 9.03 -10.87 -3.14
CA LEU A 99 10.12 -10.45 -4.05
C LEU A 99 10.35 -8.94 -3.89
N ILE A 100 9.28 -8.15 -3.87
CA ILE A 100 9.32 -6.66 -3.73
C ILE A 100 9.86 -6.33 -2.33
N GLU A 101 9.32 -6.99 -1.30
CA GLU A 101 9.78 -6.88 0.12
C GLU A 101 11.29 -7.10 0.16
N ALA A 102 11.79 -8.18 -0.46
CA ALA A 102 13.21 -8.57 -0.49
C ALA A 102 14.05 -7.45 -1.12
N ALA A 103 13.56 -6.87 -2.22
CA ALA A 103 14.22 -5.75 -2.96
C ALA A 103 14.23 -4.49 -2.09
N ALA A 104 13.09 -4.18 -1.48
CA ALA A 104 12.86 -2.96 -0.66
C ALA A 104 13.76 -2.96 0.58
N SER A 105 14.07 -4.13 1.14
CA SER A 105 14.94 -4.29 2.34
C SER A 105 16.40 -3.92 2.00
N TRP A 106 16.75 -3.86 0.71
CA TRP A 106 18.09 -3.47 0.22
C TRP A 106 18.07 -2.02 -0.30
N SER A 107 17.25 -1.77 -1.33
CA SER A 107 17.10 -0.43 -1.99
C SER A 107 15.65 -0.27 -2.46
N VAL A 108 14.91 0.66 -1.85
CA VAL A 108 13.47 0.92 -2.15
C VAL A 108 13.31 1.31 -3.62
N PRO A 109 14.13 2.24 -4.16
CA PRO A 109 14.06 2.57 -5.59
C PRO A 109 13.98 1.34 -6.51
N VAL A 110 14.86 0.35 -6.29
CA VAL A 110 14.89 -0.92 -7.07
C VAL A 110 13.53 -1.61 -6.94
N ALA A 111 13.02 -1.72 -5.71
CA ALA A 111 11.72 -2.36 -5.38
C ALA A 111 10.58 -1.66 -6.12
N LEU A 112 10.57 -0.33 -6.14
CA LEU A 112 9.48 0.49 -6.75
C LEU A 112 9.46 0.30 -8.27
N VAL A 113 10.62 0.26 -8.92
CA VAL A 113 10.74 0.01 -10.38
C VAL A 113 10.10 -1.36 -10.67
N MET A 114 10.52 -2.40 -9.92
CA MET A 114 10.02 -3.79 -10.06
C MET A 114 8.51 -3.83 -9.76
N ALA A 115 8.06 -3.12 -8.72
CA ALA A 115 6.65 -3.13 -8.23
C ALA A 115 5.72 -2.61 -9.33
N ILE A 116 6.04 -1.46 -9.92
CA ILE A 116 5.22 -0.82 -11.01
C ILE A 116 5.11 -1.79 -12.17
N GLU A 117 6.24 -2.32 -12.65
CA GLU A 117 6.33 -3.18 -13.86
C GLU A 117 5.49 -4.45 -13.67
N ASN A 118 5.54 -5.04 -12.47
CA ASN A 118 4.89 -6.36 -12.16
C ASN A 118 3.46 -6.16 -11.65
N SER A 119 2.97 -4.92 -11.53
CA SER A 119 1.64 -4.58 -10.94
C SER A 119 0.72 -3.90 -11.97
N VAL A 120 1.16 -2.77 -12.54
CA VAL A 120 0.30 -1.86 -13.37
C VAL A 120 0.95 -1.60 -14.73
N GLY A 121 2.05 -2.27 -15.07
CA GLY A 121 2.73 -2.16 -16.38
C GLY A 121 1.91 -2.81 -17.48
N VAL A 122 2.45 -2.85 -18.70
CA VAL A 122 1.80 -3.49 -19.88
C VAL A 122 1.83 -5.02 -19.70
N GLY A 123 2.80 -5.54 -18.95
CA GLY A 123 2.94 -6.98 -18.64
C GLY A 123 1.69 -7.53 -17.94
N PRO A 124 1.35 -7.04 -16.73
CA PRO A 124 0.11 -7.40 -16.06
C PRO A 124 -1.15 -7.16 -16.90
N MET A 125 -1.18 -6.09 -17.69
CA MET A 125 -2.36 -5.68 -18.52
C MET A 125 -2.61 -6.68 -19.66
N HIS A 126 -1.55 -7.30 -20.18
CA HIS A 126 -1.55 -8.19 -21.37
C HIS A 126 -2.79 -9.10 -21.37
N ALA A 127 -3.04 -9.78 -20.25
CA ALA A 127 -4.09 -10.82 -20.08
C ALA A 127 -5.49 -10.25 -20.34
N HIS A 128 -5.71 -8.96 -20.02
CA HIS A 128 -7.03 -8.29 -20.09
C HIS A 128 -7.33 -7.82 -21.53
N LEU A 129 -6.29 -7.49 -22.30
CA LEU A 129 -6.42 -6.91 -23.67
C LEU A 129 -7.13 -7.92 -24.58
N PRO A 130 -8.04 -7.46 -25.47
CA PRO A 130 -8.61 -8.31 -26.51
C PRO A 130 -7.61 -8.52 -27.66
N ALA A 131 -7.73 -9.64 -28.38
CA ALA A 131 -6.91 -9.99 -29.56
C ALA A 131 -6.96 -8.83 -30.57
N GLY A 132 -5.80 -8.48 -31.13
CA GLY A 132 -5.64 -7.35 -32.07
C GLY A 132 -4.19 -6.89 -32.18
N PRO A 133 -3.92 -5.77 -32.88
CA PRO A 133 -2.55 -5.27 -33.05
C PRO A 133 -1.88 -4.85 -31.73
N LEU A 134 -2.62 -4.17 -30.86
CA LEU A 134 -2.13 -3.63 -29.56
C LEU A 134 -1.56 -4.79 -28.72
N ARG A 135 -2.34 -5.86 -28.60
CA ARG A 135 -1.97 -7.07 -27.81
C ARG A 135 -0.72 -7.71 -28.41
N ASP A 136 -0.64 -7.79 -29.75
CA ASP A 136 0.54 -8.32 -30.50
C ASP A 136 1.76 -7.46 -30.18
N LEU A 137 1.60 -6.13 -30.15
CA LEU A 137 2.69 -5.16 -29.88
C LEU A 137 3.22 -5.35 -28.45
N VAL A 138 2.34 -5.39 -27.45
CA VAL A 138 2.70 -5.56 -26.01
C VAL A 138 3.48 -6.87 -25.85
N GLU A 139 2.98 -7.96 -26.44
CA GLU A 139 3.62 -9.31 -26.43
C GLU A 139 5.03 -9.19 -27.01
N ALA A 140 5.17 -8.59 -28.21
CA ALA A 140 6.44 -8.38 -28.92
C ALA A 140 7.43 -7.62 -28.02
N ARG A 141 6.93 -6.59 -27.33
CA ARG A 141 7.71 -5.74 -26.40
C ARG A 141 8.15 -6.55 -25.18
N LEU A 142 7.24 -7.37 -24.63
CA LEU A 142 7.46 -8.19 -23.40
C LEU A 142 8.53 -9.26 -23.68
N ARG A 143 8.47 -9.92 -24.83
CA ARG A 143 9.48 -10.91 -25.30
C ARG A 143 10.85 -10.21 -25.42
N ALA A 144 10.87 -9.01 -26.02
CA ALA A 144 12.07 -8.18 -26.24
C ALA A 144 12.59 -7.62 -24.91
N GLY A 145 11.72 -7.51 -23.90
CA GLY A 145 12.01 -6.86 -22.61
C GLY A 145 11.69 -5.38 -22.68
N THR A 146 10.69 -4.94 -21.92
CA THR A 146 10.17 -3.54 -21.91
C THR A 146 10.14 -3.01 -20.47
N VAL A 147 10.14 -1.68 -20.32
CA VAL A 147 9.86 -0.96 -19.04
C VAL A 147 8.64 -0.07 -19.31
N SER A 148 7.70 -0.02 -18.36
CA SER A 148 6.42 0.70 -18.48
C SER A 148 6.11 1.49 -17.19
N GLY A 149 5.16 2.42 -17.29
CA GLY A 149 4.64 3.24 -16.19
C GLY A 149 3.22 3.70 -16.48
N THR A 150 2.48 4.10 -15.43
CA THR A 150 1.12 4.67 -15.52
C THR A 150 1.22 6.19 -15.31
N ALA A 151 0.83 6.99 -16.31
CA ALA A 151 0.86 8.47 -16.29
C ALA A 151 -0.57 9.00 -16.14
N ASP A 152 -1.00 9.23 -14.90
CA ASP A 152 -2.40 9.63 -14.56
C ASP A 152 -2.42 11.05 -13.96
N THR A 153 -1.59 11.30 -12.95
CA THR A 153 -1.60 12.54 -12.11
C THR A 153 -1.22 13.77 -12.96
N GLU A 154 -1.97 14.86 -12.78
CA GLU A 154 -1.76 16.16 -13.48
C GLU A 154 -1.50 17.25 -12.44
N PRO A 155 -0.91 18.40 -12.81
CA PRO A 155 -0.71 19.52 -11.89
C PRO A 155 -1.98 19.95 -11.12
N ALA A 156 -3.15 19.80 -11.74
CA ALA A 156 -4.48 20.12 -11.16
C ALA A 156 -4.67 19.36 -9.84
N GLY A 157 -4.17 18.13 -9.76
CA GLY A 157 -4.30 17.25 -8.57
C GLY A 157 -4.86 15.89 -8.95
N ALA A 158 -4.35 14.82 -8.32
CA ALA A 158 -4.73 13.42 -8.59
C ALA A 158 -6.18 13.18 -8.15
N ALA A 159 -6.64 13.86 -7.09
CA ALA A 159 -7.95 13.64 -6.43
C ALA A 159 -9.10 14.20 -7.30
N ASN A 160 -8.80 15.00 -8.32
CA ASN A 160 -9.79 15.46 -9.32
C ASN A 160 -10.44 14.24 -10.01
N HIS A 161 -11.77 14.23 -10.10
CA HIS A 161 -12.56 13.22 -10.83
C HIS A 161 -12.26 13.31 -12.34
N ARG A 162 -12.05 14.53 -12.85
CA ARG A 162 -11.74 14.80 -14.28
C ARG A 162 -10.23 14.70 -14.54
N ARG A 163 -9.86 14.39 -15.79
CA ARG A 163 -8.49 14.54 -16.34
C ARG A 163 -8.54 15.57 -17.47
N PHE A 164 -7.65 16.58 -17.41
CA PHE A 164 -7.62 17.75 -18.32
C PHE A 164 -6.76 17.44 -19.55
N THR A 165 -5.91 16.42 -19.47
CA THR A 165 -5.22 15.84 -20.65
C THR A 165 -6.29 15.36 -21.64
N THR A 166 -6.33 15.93 -22.84
CA THR A 166 -7.37 15.66 -23.86
C THR A 166 -6.82 14.73 -24.95
N ALA A 167 -7.69 13.90 -25.51
CA ALA A 167 -7.43 13.07 -26.72
C ALA A 167 -8.47 13.41 -27.78
N THR A 168 -8.09 14.20 -28.78
CA THR A 168 -8.95 14.65 -29.91
C THR A 168 -8.67 13.77 -31.13
N PRO A 169 -9.71 13.23 -31.82
CA PRO A 169 -9.49 12.41 -33.01
C PRO A 169 -8.89 13.23 -34.15
N THR A 170 -7.99 12.64 -34.93
CA THR A 170 -7.40 13.24 -36.15
C THR A 170 -8.48 13.30 -37.25
N GLU A 171 -8.33 14.24 -38.19
CA GLU A 171 -9.28 14.47 -39.30
C GLU A 171 -9.45 13.19 -40.12
N ASP A 172 -8.35 12.42 -40.32
CA ASP A 172 -8.32 11.21 -41.18
C ASP A 172 -8.76 9.97 -40.38
N GLY A 173 -9.02 10.11 -39.08
CA GLY A 173 -9.68 9.10 -38.23
C GLY A 173 -8.81 7.90 -37.91
N THR A 174 -7.48 7.98 -38.13
CA THR A 174 -6.52 6.87 -37.89
C THR A 174 -6.11 6.81 -36.42
N GLY A 175 -6.09 7.95 -35.71
CA GLY A 175 -5.65 8.03 -34.31
C GLY A 175 -6.12 9.28 -33.61
N TYR A 176 -5.51 9.60 -32.46
CA TYR A 176 -5.87 10.74 -31.58
C TYR A 176 -4.63 11.61 -31.33
N LEU A 177 -4.87 12.89 -31.02
CA LEU A 177 -3.83 13.87 -30.58
C LEU A 177 -3.97 14.09 -29.07
N LEU A 178 -2.95 13.69 -28.32
CA LEU A 178 -2.89 13.87 -26.84
C LEU A 178 -2.26 15.24 -26.53
N ASN A 179 -2.92 16.01 -25.67
CA ASN A 179 -2.47 17.34 -25.19
C ASN A 179 -2.71 17.42 -23.68
N GLY A 180 -1.68 17.77 -22.91
CA GLY A 180 -1.76 17.90 -21.44
C GLY A 180 -0.42 17.68 -20.76
N GLU A 181 -0.43 17.60 -19.43
CA GLU A 181 0.77 17.45 -18.57
C GLU A 181 0.52 16.36 -17.54
N LYS A 182 1.51 15.47 -17.34
CA LYS A 182 1.49 14.45 -16.27
C LYS A 182 2.65 14.72 -15.31
N LEU A 183 2.40 14.53 -14.01
CA LEU A 183 3.32 14.89 -12.89
C LEU A 183 3.61 13.63 -12.06
N HIS A 184 4.86 13.49 -11.60
CA HIS A 184 5.30 12.49 -10.60
C HIS A 184 5.10 11.06 -11.12
N VAL A 185 5.37 10.78 -12.40
CA VAL A 185 5.10 9.46 -13.04
C VAL A 185 6.27 8.50 -12.75
N GLY A 186 6.00 7.40 -12.05
CA GLY A 186 6.98 6.35 -11.74
C GLY A 186 7.48 5.64 -13.00
N ASN A 187 8.80 5.49 -13.13
CA ASN A 187 9.52 4.77 -14.22
C ASN A 187 9.59 5.62 -15.50
N ALA A 188 8.95 6.80 -15.53
CA ALA A 188 8.82 7.63 -16.75
C ALA A 188 10.18 7.83 -17.43
N PRO A 189 11.24 8.26 -16.71
CA PRO A 189 12.54 8.54 -17.33
C PRO A 189 13.25 7.32 -17.96
N ILE A 190 12.86 6.09 -17.58
CA ILE A 190 13.46 4.82 -18.10
C ILE A 190 12.43 4.02 -18.90
N ALA A 191 11.17 4.47 -18.95
CA ALA A 191 10.04 3.75 -19.58
C ALA A 191 10.19 3.78 -21.10
N GLU A 192 9.85 2.66 -21.76
CA GLU A 192 9.74 2.56 -23.24
C GLU A 192 8.32 2.91 -23.65
N VAL A 193 7.33 2.56 -22.80
CA VAL A 193 5.87 2.72 -23.07
C VAL A 193 5.19 3.20 -21.77
N LEU A 194 4.19 4.08 -21.89
CA LEU A 194 3.40 4.61 -20.75
C LEU A 194 1.90 4.39 -21.00
N ILE A 195 1.18 3.94 -19.97
CA ILE A 195 -0.31 3.90 -19.92
C ILE A 195 -0.79 5.27 -19.47
N VAL A 196 -1.33 6.07 -20.41
CA VAL A 196 -1.70 7.50 -20.20
C VAL A 196 -3.22 7.61 -20.09
N SER A 197 -3.72 8.29 -19.05
CA SER A 197 -5.14 8.67 -18.90
C SER A 197 -5.36 10.02 -19.61
N ALA A 198 -6.43 10.12 -20.41
CA ALA A 198 -6.80 11.33 -21.18
C ALA A 198 -8.30 11.32 -21.48
N SER A 199 -8.90 12.50 -21.60
CA SER A 199 -10.36 12.69 -21.85
C SER A 199 -10.61 12.78 -23.36
N VAL A 200 -11.63 12.06 -23.82
CA VAL A 200 -12.07 12.13 -25.23
C VAL A 200 -13.46 12.76 -25.18
N VAL A 201 -13.73 13.78 -25.99
CA VAL A 201 -15.09 14.38 -25.96
C VAL A 201 -15.89 13.74 -27.09
N GLU A 202 -16.99 13.05 -26.76
CA GLU A 202 -17.80 12.40 -27.81
C GLU A 202 -19.16 13.08 -27.89
N ASP A 203 -19.36 13.94 -28.89
CA ASP A 203 -20.66 14.66 -29.06
C ASP A 203 -21.12 15.33 -27.75
N GLY A 204 -20.26 16.15 -27.14
CA GLY A 204 -20.62 16.94 -25.95
C GLY A 204 -20.42 16.25 -24.61
N VAL A 205 -20.05 14.97 -24.57
CA VAL A 205 -19.85 14.35 -23.23
C VAL A 205 -18.41 13.86 -23.11
N GLU A 206 -17.75 14.27 -22.02
CA GLU A 206 -16.33 13.91 -21.70
C GLU A 206 -16.27 12.45 -21.28
N HIS A 207 -15.20 11.76 -21.66
CA HIS A 207 -15.01 10.33 -21.29
C HIS A 207 -13.53 10.05 -21.00
N ARG A 208 -13.24 9.37 -19.88
CA ARG A 208 -11.85 9.00 -19.48
C ARG A 208 -11.45 7.72 -20.24
N ARG A 209 -10.31 7.75 -20.93
CA ARG A 209 -9.77 6.60 -21.71
C ARG A 209 -8.28 6.42 -21.40
N MET A 210 -7.78 5.19 -21.54
CA MET A 210 -6.35 4.81 -21.35
C MET A 210 -5.71 4.60 -22.73
N PHE A 211 -4.48 5.09 -22.91
CA PHE A 211 -3.71 5.03 -24.16
C PHE A 211 -2.32 4.45 -23.89
N ILE A 212 -1.90 3.46 -24.67
CA ILE A 212 -0.55 2.82 -24.60
C ILE A 212 0.40 3.62 -25.50
N VAL A 213 1.14 4.57 -24.93
CA VAL A 213 1.96 5.57 -25.67
C VAL A 213 3.45 5.24 -25.52
N ASP A 214 4.16 5.13 -26.65
CA ASP A 214 5.64 5.02 -26.71
C ASP A 214 6.23 6.35 -26.21
N THR A 215 7.30 6.28 -25.41
CA THR A 215 7.97 7.46 -24.80
C THR A 215 8.77 8.22 -25.85
N ASP A 216 9.07 7.60 -27.00
CA ASP A 216 9.85 8.21 -28.11
C ASP A 216 8.91 8.90 -29.11
N SER A 217 7.61 8.97 -28.82
CA SER A 217 6.58 9.64 -29.66
C SER A 217 6.90 11.13 -29.79
N PRO A 218 7.05 11.68 -31.02
CA PRO A 218 7.26 13.11 -31.21
C PRO A 218 6.16 13.94 -30.53
N GLY A 219 6.55 15.01 -29.82
CA GLY A 219 5.64 15.89 -29.05
C GLY A 219 5.52 15.47 -27.59
N LEU A 220 5.98 14.27 -27.24
CA LEU A 220 6.11 13.79 -25.84
C LEU A 220 7.50 14.22 -25.33
N ARG A 221 7.53 14.94 -24.21
CA ARG A 221 8.79 15.49 -23.62
C ARG A 221 8.81 15.21 -22.12
N ILE A 222 9.80 14.45 -21.66
CA ILE A 222 10.12 14.25 -20.21
C ILE A 222 10.84 15.51 -19.72
N THR A 223 10.07 16.57 -19.47
CA THR A 223 10.57 17.93 -19.09
C THR A 223 11.25 17.87 -17.71
N ALA A 224 10.64 17.19 -16.74
CA ALA A 224 11.08 17.14 -15.33
C ALA A 224 11.56 15.74 -14.95
N ARG A 225 12.59 15.66 -14.10
CA ARG A 225 13.00 14.42 -13.37
C ARG A 225 12.88 14.73 -11.87
N HIS A 226 11.85 14.17 -11.22
CA HIS A 226 11.43 14.53 -9.83
C HIS A 226 12.32 13.81 -8.80
N GLU A 227 12.87 14.57 -7.85
CA GLU A 227 13.57 14.06 -6.64
C GLU A 227 12.75 14.47 -5.41
N PHE A 228 12.48 13.53 -4.51
CA PHE A 228 11.64 13.72 -3.29
C PHE A 228 12.50 13.53 -2.03
N MET A 229 11.89 13.71 -0.85
CA MET A 229 12.54 13.58 0.48
C MET A 229 13.21 12.20 0.59
N GLY A 230 12.49 11.16 0.21
CA GLY A 230 12.97 9.77 0.15
C GLY A 230 12.90 9.21 -1.26
N VAL A 231 13.13 7.90 -1.39
CA VAL A 231 13.19 7.11 -2.65
C VAL A 231 14.09 7.83 -3.67
N LYS A 232 15.22 8.39 -3.20
CA LYS A 232 16.24 9.02 -4.06
C LYS A 232 16.85 7.94 -4.94
N GLY A 233 16.81 8.13 -6.26
CA GLY A 233 17.26 7.15 -7.27
C GLY A 233 16.11 6.56 -8.05
N PHE A 234 14.90 6.57 -7.48
CA PHE A 234 13.66 6.03 -8.11
C PHE A 234 13.32 6.85 -9.35
N PRO A 235 13.44 6.29 -10.58
CA PRO A 235 13.10 7.03 -11.80
C PRO A 235 11.67 7.56 -11.71
N ASN A 236 11.50 8.88 -11.74
CA ASN A 236 10.20 9.59 -11.59
C ASN A 236 10.25 10.87 -12.41
N GLY A 237 9.31 11.04 -13.34
CA GLY A 237 9.35 12.11 -14.35
C GLY A 237 8.01 12.79 -14.56
N GLY A 238 8.05 14.07 -14.96
CA GLY A 238 6.90 14.84 -15.45
C GLY A 238 7.08 15.15 -16.93
N MET A 239 5.98 15.24 -17.67
CA MET A 239 6.02 15.31 -19.17
C MET A 239 4.91 16.21 -19.69
N VAL A 240 5.16 16.81 -20.87
CA VAL A 240 4.16 17.54 -21.69
C VAL A 240 3.84 16.67 -22.92
N PHE A 241 2.55 16.55 -23.26
CA PHE A 241 2.08 15.99 -24.55
C PHE A 241 1.67 17.16 -25.45
N ASP A 242 2.44 17.41 -26.52
CA ASP A 242 2.15 18.46 -27.53
C ASP A 242 1.72 17.76 -28.83
N ASN A 243 0.41 17.57 -29.01
CA ASN A 243 -0.21 16.91 -30.19
C ASN A 243 0.51 15.60 -30.47
N VAL A 244 0.69 14.77 -29.45
CA VAL A 244 1.28 13.41 -29.57
C VAL A 244 0.27 12.55 -30.34
N PHE A 245 0.63 12.09 -31.53
CA PHE A 245 -0.23 11.18 -32.34
C PHE A 245 -0.21 9.79 -31.72
N VAL A 246 -1.40 9.23 -31.49
CA VAL A 246 -1.61 7.87 -30.91
C VAL A 246 -2.57 7.12 -31.83
N PRO A 247 -2.10 6.06 -32.54
CA PRO A 247 -2.98 5.26 -33.38
C PRO A 247 -4.21 4.75 -32.61
N ASN A 248 -5.30 4.46 -33.34
CA ASN A 248 -6.58 3.95 -32.79
C ASN A 248 -6.32 2.73 -31.90
N GLU A 249 -5.57 1.76 -32.40
CA GLU A 249 -5.31 0.45 -31.73
C GLU A 249 -4.66 0.67 -30.36
N ARG A 250 -3.91 1.77 -30.17
CA ARG A 250 -3.18 2.09 -28.91
C ARG A 250 -4.15 2.48 -27.80
N MET A 251 -5.40 2.85 -28.13
CA MET A 251 -6.46 3.14 -27.11
C MET A 251 -7.01 1.82 -26.58
N VAL A 252 -6.93 1.62 -25.26
CA VAL A 252 -7.50 0.44 -24.54
C VAL A 252 -9.03 0.49 -24.70
N THR A 253 -9.64 -0.64 -25.07
CA THR A 253 -11.08 -0.73 -25.45
C THR A 253 -11.60 -2.14 -25.14
N ALA A 266 -10.10 -5.24 -14.41
CA ALA A 266 -10.68 -3.92 -14.08
C ALA A 266 -9.75 -3.17 -13.13
N VAL A 267 -10.29 -2.43 -12.15
CA VAL A 267 -9.52 -1.60 -11.17
C VAL A 267 -9.02 -2.48 -10.01
N ALA A 268 -9.36 -3.78 -10.03
CA ALA A 268 -8.85 -4.81 -9.09
C ALA A 268 -7.33 -4.94 -9.24
N MET A 269 -6.82 -4.74 -10.47
CA MET A 269 -5.37 -4.76 -10.81
C MET A 269 -4.64 -3.63 -10.08
N VAL A 270 -5.28 -2.47 -9.94
CA VAL A 270 -4.73 -1.26 -9.28
C VAL A 270 -4.74 -1.45 -7.75
N ILE A 271 -5.84 -1.99 -7.21
CA ILE A 271 -6.04 -2.21 -5.74
C ILE A 271 -5.06 -3.29 -5.25
N VAL A 272 -4.98 -4.42 -5.95
CA VAL A 272 -4.03 -5.53 -5.61
C VAL A 272 -2.59 -5.07 -5.88
N GLY A 273 -2.40 -4.14 -6.82
CA GLY A 273 -1.10 -3.52 -7.13
C GLY A 273 -0.55 -2.74 -5.96
N ARG A 274 -1.41 -2.12 -5.19
CA ARG A 274 -1.04 -1.31 -4.00
CA ARG A 274 -0.99 -1.31 -4.02
C ARG A 274 -0.33 -2.20 -2.97
N LEU A 275 -0.79 -3.44 -2.79
CA LEU A 275 -0.14 -4.43 -1.91
C LEU A 275 1.35 -4.52 -2.25
N HIS A 276 1.68 -4.52 -3.55
CA HIS A 276 3.07 -4.69 -4.06
C HIS A 276 3.82 -3.35 -4.01
N MET A 277 3.18 -2.26 -4.45
CA MET A 277 3.81 -0.93 -4.63
C MET A 277 3.91 -0.19 -3.29
N ILE A 278 2.98 -0.43 -2.36
CA ILE A 278 2.83 0.36 -1.10
C ILE A 278 3.19 -0.52 0.11
N VAL A 279 2.56 -1.67 0.28
CA VAL A 279 2.62 -2.49 1.53
C VAL A 279 3.95 -3.25 1.61
N ALA A 280 4.42 -3.83 0.48
CA ALA A 280 5.67 -4.63 0.45
C ALA A 280 6.84 -3.77 0.91
N PRO A 281 7.08 -2.57 0.32
CA PRO A 281 8.15 -1.69 0.77
C PRO A 281 7.97 -1.17 2.22
N SER A 282 6.72 -0.93 2.63
CA SER A 282 6.33 -0.53 4.01
C SER A 282 6.73 -1.63 5.00
N LEU A 283 6.45 -2.89 4.66
CA LEU A 283 6.82 -4.06 5.50
C LEU A 283 8.34 -4.16 5.57
N ALA A 284 9.02 -4.06 4.41
CA ALA A 284 10.49 -4.16 4.30
C ALA A 284 11.15 -3.18 5.27
N ILE A 285 10.72 -1.92 5.24
CA ILE A 285 11.28 -0.80 6.08
C ILE A 285 10.97 -1.08 7.56
N ALA A 286 9.72 -1.44 7.88
CA ALA A 286 9.26 -1.78 9.25
C ALA A 286 10.14 -2.89 9.83
N ARG A 287 10.53 -3.87 9.01
CA ARG A 287 11.35 -5.04 9.41
C ARG A 287 12.79 -4.61 9.67
N GLN A 288 13.41 -3.86 8.76
CA GLN A 288 14.79 -3.34 8.92
C GLN A 288 14.86 -2.53 10.21
N CYS A 289 13.86 -1.67 10.45
CA CYS A 289 13.76 -0.76 11.63
C CYS A 289 13.75 -1.58 12.92
N LEU A 290 12.95 -2.66 12.97
CA LEU A 290 12.89 -3.58 14.12
C LEU A 290 14.26 -4.22 14.35
N GLY A 291 14.91 -4.68 13.27
CA GLY A 291 16.28 -5.23 13.29
C GLY A 291 17.26 -4.23 13.88
N TRP A 292 17.21 -2.98 13.41
CA TRP A 292 18.12 -1.88 13.84
C TRP A 292 17.87 -1.53 15.31
N SER A 293 16.60 -1.56 15.75
CA SER A 293 16.17 -1.32 17.14
C SER A 293 16.83 -2.34 18.08
N ARG A 294 16.74 -3.63 17.73
CA ARG A 294 17.23 -4.76 18.54
C ARG A 294 18.77 -4.71 18.63
N GLU A 295 19.45 -4.50 17.49
CA GLU A 295 20.94 -4.41 17.43
C GLU A 295 21.44 -3.24 18.29
N PHE A 296 20.76 -2.09 18.23
CA PHE A 296 21.12 -0.88 19.02
C PHE A 296 20.92 -1.16 20.50
N VAL A 297 19.75 -1.68 20.87
CA VAL A 297 19.39 -1.98 22.30
C VAL A 297 20.39 -2.99 22.88
N ARG A 298 20.76 -4.02 22.11
CA ARG A 298 21.69 -5.11 22.53
C ARG A 298 23.05 -4.51 22.94
N ALA A 299 23.53 -3.49 22.21
CA ALA A 299 24.92 -2.98 22.28
C ALA A 299 25.03 -1.78 23.24
N ARG A 300 23.91 -1.19 23.67
CA ARG A 300 23.90 0.05 24.51
C ARG A 300 23.54 -0.30 25.95
N SER A 301 23.93 0.57 26.88
CA SER A 301 23.57 0.53 28.32
C SER A 301 23.49 1.96 28.89
N ILE A 302 22.67 2.16 29.91
CA ILE A 302 22.53 3.45 30.67
C ILE A 302 22.72 3.15 32.16
N ASP A 303 23.69 3.83 32.80
CA ASP A 303 24.00 3.72 34.25
C ASP A 303 24.28 2.26 34.62
N GLY A 304 25.16 1.60 33.86
CA GLY A 304 25.64 0.22 34.12
C GLY A 304 24.64 -0.85 33.68
N ARG A 305 23.36 -0.49 33.58
CA ARG A 305 22.23 -1.39 33.24
C ARG A 305 22.08 -1.43 31.72
N PRO A 306 22.02 -2.62 31.08
CA PRO A 306 21.84 -2.70 29.62
C PRO A 306 20.46 -2.18 29.19
N LEU A 307 20.41 -1.48 28.05
CA LEU A 307 19.26 -0.65 27.62
C LEU A 307 17.99 -1.50 27.50
N GLY A 308 18.13 -2.78 27.15
CA GLY A 308 17.02 -3.74 26.96
C GLY A 308 16.28 -4.08 28.26
N GLU A 309 16.77 -3.62 29.42
CA GLU A 309 16.18 -3.92 30.75
C GLU A 309 15.20 -2.83 31.18
N TYR A 310 15.20 -1.67 30.52
CA TYR A 310 14.30 -0.52 30.83
C TYR A 310 12.93 -0.78 30.19
N GLU A 311 11.86 -0.67 31.00
CA GLU A 311 10.46 -1.01 30.60
C GLU A 311 10.11 -0.34 29.26
N GLU A 312 10.29 0.98 29.17
CA GLU A 312 9.86 1.77 27.98
C GLU A 312 10.55 1.23 26.72
N ILE A 313 11.80 0.78 26.84
CA ILE A 313 12.58 0.19 25.71
C ILE A 313 11.91 -1.14 25.31
N GLN A 314 11.57 -1.97 26.30
CA GLN A 314 10.92 -3.29 26.10
C GLN A 314 9.58 -3.08 25.38
N ARG A 315 8.76 -2.14 25.86
CA ARG A 315 7.42 -1.82 25.30
C ARG A 315 7.54 -1.41 23.83
N ARG A 316 8.55 -0.59 23.51
CA ARG A 316 8.74 0.01 22.15
C ARG A 316 9.18 -1.06 21.16
N LEU A 317 10.03 -2.01 21.59
CA LEU A 317 10.43 -3.19 20.78
C LEU A 317 9.20 -4.08 20.54
N ALA A 318 8.35 -4.25 21.56
CA ALA A 318 7.10 -5.04 21.50
C ALA A 318 6.11 -4.41 20.53
N GLU A 319 5.95 -3.09 20.58
CA GLU A 319 4.98 -2.31 19.76
C GLU A 319 5.40 -2.34 18.29
N SER A 320 6.69 -2.22 18.00
CA SER A 320 7.27 -2.33 16.62
C SER A 320 7.11 -3.76 16.09
N ALA A 321 7.39 -4.77 16.93
CA ALA A 321 7.27 -6.21 16.59
C ALA A 321 5.80 -6.54 16.30
N ALA A 322 4.87 -6.00 17.10
CA ALA A 322 3.41 -6.22 16.98
C ALA A 322 2.89 -5.53 15.70
N ASP A 323 3.45 -4.36 15.37
CA ASP A 323 3.09 -3.59 14.14
C ASP A 323 3.49 -4.40 12.90
N VAL A 324 4.70 -4.94 12.88
CA VAL A 324 5.23 -5.81 11.78
C VAL A 324 4.27 -6.99 11.58
N PHE A 325 3.94 -7.69 12.66
CA PHE A 325 2.99 -8.84 12.71
C PHE A 325 1.66 -8.44 12.05
N ALA A 326 1.18 -7.21 12.31
CA ALA A 326 -0.09 -6.68 11.78
C ALA A 326 0.02 -6.41 10.27
N ILE A 327 1.15 -5.86 9.81
CA ILE A 327 1.41 -5.63 8.35
C ILE A 327 1.46 -6.99 7.65
N GLU A 328 2.11 -7.98 8.28
CA GLU A 328 2.20 -9.38 7.78
C GLU A 328 0.78 -9.95 7.64
N ALA A 329 -0.05 -9.79 8.67
CA ALA A 329 -1.45 -10.30 8.71
C ALA A 329 -2.25 -9.74 7.53
N ILE A 330 -2.30 -8.41 7.37
CA ILE A 330 -3.07 -7.74 6.28
C ILE A 330 -2.53 -8.20 4.91
N ALA A 331 -1.20 -8.36 4.78
CA ALA A 331 -0.53 -8.77 3.54
C ALA A 331 -0.91 -10.21 3.17
N GLU A 332 -0.89 -11.11 4.15
CA GLU A 332 -1.19 -12.55 3.96
C GLU A 332 -2.68 -12.75 3.63
N TRP A 333 -3.57 -12.07 4.35
CA TRP A 333 -5.04 -12.12 4.12
C TRP A 333 -5.38 -11.59 2.72
N SER A 334 -4.67 -10.56 2.27
CA SER A 334 -4.91 -9.87 0.97
C SER A 334 -4.53 -10.76 -0.21
N LEU A 335 -3.44 -11.54 -0.10
CA LEU A 335 -2.80 -12.23 -1.25
C LEU A 335 -3.01 -13.75 -1.20
N LEU A 336 -3.51 -14.31 -0.09
CA LEU A 336 -3.96 -15.73 -0.01
C LEU A 336 -5.49 -15.81 -0.09
N CYS A 337 -6.18 -14.66 0.02
CA CYS A 337 -7.65 -14.50 -0.20
C CYS A 337 -8.44 -15.36 0.80
N TRP A 347 -10.74 -7.97 -0.99
CA TRP A 347 -11.10 -6.97 -2.04
C TRP A 347 -11.16 -5.57 -1.41
N TYR A 348 -12.14 -5.32 -0.54
CA TYR A 348 -12.24 -4.09 0.29
C TYR A 348 -11.10 -4.09 1.30
N GLU A 349 -10.77 -5.28 1.83
CA GLU A 349 -9.64 -5.53 2.77
C GLU A 349 -8.32 -5.09 2.12
N GLN A 350 -8.19 -5.29 0.80
CA GLN A 350 -6.98 -4.95 0.01
C GLN A 350 -6.89 -3.42 -0.17
N SER A 351 -8.02 -2.72 -0.16
CA SER A 351 -8.10 -1.24 -0.21
C SER A 351 -7.56 -0.65 1.09
N ALA A 352 -8.00 -1.19 2.23
CA ALA A 352 -7.60 -0.79 3.60
C ALA A 352 -6.15 -1.15 3.87
N ALA A 353 -5.61 -2.14 3.16
CA ALA A 353 -4.22 -2.63 3.30
C ALA A 353 -3.23 -1.49 2.98
N LYS A 354 -3.57 -0.64 2.02
CA LYS A 354 -2.76 0.55 1.64
C LYS A 354 -2.46 1.37 2.90
N ASN A 355 -3.51 1.82 3.61
CA ASN A 355 -3.38 2.72 4.79
C ASN A 355 -2.77 1.96 5.97
N ILE A 356 -3.29 0.77 6.29
CA ILE A 356 -2.80 -0.05 7.44
C ILE A 356 -1.30 -0.29 7.26
N GLY A 357 -0.89 -0.80 6.10
CA GLY A 357 0.52 -1.07 5.78
C GLY A 357 1.40 0.16 5.90
N SER A 358 1.05 1.23 5.18
CA SER A 358 1.82 2.49 5.08
C SER A 358 1.95 3.14 6.47
N VAL A 359 0.85 3.28 7.19
CA VAL A 359 0.80 4.00 8.51
C VAL A 359 1.63 3.22 9.54
N LEU A 360 1.39 1.91 9.68
CA LEU A 360 2.12 1.02 10.63
C LEU A 360 3.62 1.06 10.30
N GLY A 361 3.97 0.99 9.01
CA GLY A 361 5.36 1.13 8.53
C GLY A 361 5.98 2.44 8.98
N TRP A 362 5.25 3.55 8.86
CA TRP A 362 5.70 4.92 9.25
C TRP A 362 5.83 5.01 10.77
N ARG A 363 4.87 4.46 11.53
CA ARG A 363 4.90 4.44 13.02
C ARG A 363 6.19 3.77 13.50
N VAL A 364 6.50 2.57 12.99
CA VAL A 364 7.68 1.77 13.40
C VAL A 364 8.95 2.62 13.18
N ALA A 365 9.06 3.27 12.03
CA ALA A 365 10.24 4.08 11.63
C ALA A 365 10.37 5.31 12.54
N GLU A 366 9.23 5.95 12.86
CA GLU A 366 9.17 7.11 13.78
C GLU A 366 9.63 6.67 15.18
N ARG A 367 9.07 5.57 15.68
CA ARG A 367 9.39 4.96 17.00
C ARG A 367 10.89 4.62 17.05
N THR A 368 11.43 4.07 15.95
CA THR A 368 12.85 3.64 15.84
C THR A 368 13.77 4.87 15.92
N MET A 369 13.37 6.00 15.34
CA MET A 369 14.16 7.27 15.35
C MET A 369 14.32 7.77 16.79
N SER A 370 13.24 7.78 17.57
CA SER A 370 13.23 8.14 19.02
C SER A 370 14.20 7.24 19.79
N LEU A 371 14.23 5.95 19.44
CA LEU A 371 15.00 4.88 20.14
C LEU A 371 16.51 5.08 19.90
N LEU A 372 16.93 5.12 18.64
CA LEU A 372 18.37 5.25 18.25
C LEU A 372 18.86 6.69 18.47
N ALA A 373 17.94 7.65 18.60
CA ALA A 373 18.20 9.06 19.00
C ALA A 373 19.24 9.69 18.07
N GLY A 374 20.33 10.28 18.61
CA GLY A 374 21.35 11.02 17.85
C GLY A 374 21.96 10.21 16.73
N GLU A 375 22.33 8.95 17.01
CA GLU A 375 22.84 7.97 16.03
C GLU A 375 21.77 7.70 14.96
N GLY A 376 20.51 7.59 15.38
CA GLY A 376 19.36 7.36 14.48
C GLY A 376 19.17 8.49 13.49
N TYR A 377 19.37 9.74 13.94
CA TYR A 377 19.19 10.99 13.14
C TYR A 377 20.37 11.15 12.18
N GLU A 378 21.53 10.58 12.50
CA GLU A 378 22.79 10.68 11.72
C GLU A 378 22.66 9.81 10.46
N THR A 379 23.20 10.27 9.33
CA THR A 379 23.18 9.56 8.02
C THR A 379 24.09 8.33 8.11
N ALA A 380 23.82 7.30 7.30
CA ALA A 380 24.61 6.05 7.21
C ALA A 380 26.05 6.39 6.82
N SER A 381 26.23 7.26 5.83
CA SER A 381 27.57 7.63 5.26
C SER A 381 28.38 8.37 6.32
N SER A 382 27.76 9.27 7.07
CA SER A 382 28.37 10.00 8.22
C SER A 382 28.89 8.99 9.26
N LYS A 383 28.03 8.05 9.68
CA LYS A 383 28.36 7.01 10.69
C LYS A 383 29.46 6.08 10.13
N SER A 384 29.40 5.75 8.84
CA SER A 384 30.42 4.91 8.14
C SER A 384 31.76 5.65 8.12
N ALA A 385 31.74 6.96 7.80
CA ALA A 385 32.94 7.82 7.66
C ALA A 385 33.75 7.86 8.97
N ARG A 386 33.06 7.86 10.12
CA ARG A 386 33.70 7.95 11.47
C ARG A 386 33.86 6.55 12.08
N GLY A 387 33.68 5.49 11.28
CA GLY A 387 33.92 4.09 11.67
C GLY A 387 32.97 3.61 12.76
N ALA A 388 31.72 4.10 12.75
CA ALA A 388 30.67 3.71 13.72
C ALA A 388 30.37 2.22 13.56
N ALA A 389 30.04 1.54 14.66
CA ALA A 389 29.67 0.11 14.71
C ALA A 389 28.41 -0.14 13.88
N ARG A 390 27.43 0.76 13.98
CA ARG A 390 26.08 0.62 13.38
C ARG A 390 25.83 1.75 12.37
N PRO A 391 26.38 1.65 11.14
CA PRO A 391 26.09 2.63 10.10
C PRO A 391 24.70 2.36 9.46
N PHE A 392 23.66 2.32 10.28
CA PHE A 392 22.28 1.97 9.88
C PHE A 392 21.65 3.14 9.13
N PRO A 393 21.12 2.94 7.90
CA PRO A 393 20.44 4.02 7.17
C PRO A 393 18.98 4.21 7.64
N LEU A 394 18.78 4.45 8.95
CA LEU A 394 17.44 4.65 9.55
C LEU A 394 16.82 5.94 8.99
N GLU A 395 17.60 7.02 8.95
CA GLU A 395 17.12 8.34 8.48
C GLU A 395 16.60 8.19 7.05
N ARG A 396 17.30 7.44 6.20
CA ARG A 396 16.85 7.11 4.81
C ARG A 396 15.52 6.34 4.88
N ALA A 397 15.40 5.36 5.76
CA ALA A 397 14.18 4.54 5.96
C ALA A 397 13.00 5.46 6.29
N LEU A 398 13.19 6.44 7.18
CA LEU A 398 12.11 7.36 7.65
C LEU A 398 11.67 8.27 6.49
N ARG A 399 12.62 8.77 5.71
CA ARG A 399 12.37 9.64 4.52
C ARG A 399 11.63 8.84 3.45
N ASP A 400 12.02 7.58 3.24
CA ASP A 400 11.44 6.67 2.21
C ASP A 400 10.01 6.30 2.59
N VAL A 401 9.78 5.90 3.85
CA VAL A 401 8.47 5.35 4.32
C VAL A 401 7.38 6.42 4.20
N ARG A 402 7.73 7.71 4.30
CA ARG A 402 6.76 8.84 4.23
C ARG A 402 6.03 8.80 2.88
N ASN A 403 6.72 8.39 1.82
CA ASN A 403 6.20 8.27 0.43
C ASN A 403 4.86 7.51 0.42
N PHE A 404 4.75 6.43 1.21
CA PHE A 404 3.69 5.39 1.09
C PHE A 404 2.38 5.84 1.75
N ARG A 405 2.38 7.00 2.41
CA ARG A 405 1.16 7.67 2.90
C ARG A 405 0.74 8.78 1.90
N ILE A 406 1.51 8.97 0.82
CA ILE A 406 1.26 10.01 -0.22
C ILE A 406 0.99 9.31 -1.56
N SER A 407 2.00 8.61 -2.09
CA SER A 407 1.94 7.79 -3.32
C SER A 407 0.77 6.81 -3.22
N GLY A 408 -0.09 6.76 -4.25
CA GLY A 408 -1.29 5.90 -4.30
C GLY A 408 -2.44 6.47 -3.49
N GLY A 409 -2.39 7.76 -3.14
CA GLY A 409 -3.45 8.49 -2.41
C GLY A 409 -3.02 8.88 -1.00
N ILE A 410 -3.45 10.06 -0.54
CA ILE A 410 -3.18 10.58 0.83
C ILE A 410 -4.04 9.80 1.83
N ASP A 411 -3.43 9.37 2.94
CA ASP A 411 -4.02 8.42 3.92
C ASP A 411 -5.42 8.89 4.36
N PHE A 412 -5.57 10.17 4.73
CA PHE A 412 -6.87 10.71 5.25
C PHE A 412 -7.88 10.79 4.11
N GLN A 413 -7.42 11.00 2.87
CA GLN A 413 -8.30 11.06 1.67
C GLN A 413 -8.86 9.66 1.38
N LEU A 414 -8.01 8.63 1.46
CA LEU A 414 -8.42 7.21 1.26
C LEU A 414 -9.40 6.81 2.38
N ASP A 415 -9.17 7.28 3.60
CA ASP A 415 -10.08 7.06 4.77
C ASP A 415 -11.45 7.71 4.51
N TYR A 416 -11.47 8.88 3.86
CA TYR A 416 -12.71 9.61 3.49
C TYR A 416 -13.45 8.83 2.41
N TRP A 417 -12.76 8.52 1.30
CA TRP A 417 -13.33 7.81 0.13
C TRP A 417 -13.88 6.44 0.54
N THR A 418 -13.18 5.76 1.44
CA THR A 418 -13.61 4.44 1.94
C THR A 418 -14.95 4.55 2.64
N SER A 419 -15.17 5.58 3.43
CA SER A 419 -16.44 5.63 4.19
C SER A 419 -17.57 6.24 3.35
N THR A 420 -17.28 7.17 2.45
CA THR A 420 -18.39 7.77 1.67
C THR A 420 -18.78 6.88 0.49
N ILE A 421 -17.79 6.25 -0.14
CA ILE A 421 -18.01 5.44 -1.37
C ILE A 421 -18.22 3.98 -1.01
N ALA A 422 -17.83 3.55 0.19
CA ALA A 422 -17.94 2.09 0.42
C ALA A 422 -18.59 1.78 1.76
N ILE A 423 -18.91 2.79 2.56
CA ILE A 423 -19.52 2.46 3.87
C ILE A 423 -20.96 2.94 3.88
N PHE A 424 -21.20 4.18 3.43
CA PHE A 424 -22.57 4.77 3.44
C PHE A 424 -23.39 4.31 2.23
N THR A 425 -22.77 3.62 1.27
CA THR A 425 -23.51 3.06 0.10
C THR A 425 -24.50 2.00 0.61
N TYR A 426 -24.10 1.22 1.62
CA TYR A 426 -24.93 0.15 2.24
C TYR A 426 -26.02 0.74 3.15
N TYR A 427 -25.93 2.03 3.52
CA TYR A 427 -26.96 2.60 4.43
C TYR A 427 -27.86 3.64 3.74
N TYR A 428 -27.45 4.21 2.60
CA TYR A 428 -28.29 5.30 2.02
C TYR A 428 -29.66 4.85 1.53
N PRO A 429 -29.83 3.73 0.80
CA PRO A 429 -31.18 3.28 0.47
C PRO A 429 -31.84 2.94 1.81
N ASP A 430 -31.10 2.19 2.63
CA ASP A 430 -31.29 1.69 4.03
C ASP A 430 -30.36 0.49 4.22
N PRO A 431 -30.07 0.07 5.46
CA PRO A 431 -29.23 -1.10 5.69
C PRO A 431 -30.14 -2.33 5.61
N ASP A 432 -29.73 -3.36 4.87
CA ASP A 432 -30.53 -4.60 4.72
C ASP A 432 -30.66 -5.31 6.08
N ASN A 433 -29.60 -5.26 6.90
CA ASN A 433 -29.57 -5.90 8.23
C ASN A 433 -29.89 -4.86 9.31
N LEU A 434 -30.84 -3.96 9.04
CA LEU A 434 -31.19 -2.88 9.99
C LEU A 434 -31.66 -3.48 11.32
N ALA A 435 -32.46 -4.55 11.27
CA ALA A 435 -32.97 -5.21 12.50
C ALA A 435 -31.81 -5.52 13.46
N GLU A 436 -30.71 -6.05 12.91
CA GLU A 436 -29.51 -6.43 13.70
C GLU A 436 -28.92 -5.20 14.41
N ILE A 437 -28.97 -4.04 13.76
CA ILE A 437 -28.34 -2.76 14.22
C ILE A 437 -29.13 -2.23 15.43
N GLU A 438 -30.46 -2.16 15.33
CA GLU A 438 -31.35 -1.68 16.43
C GLU A 438 -31.29 -2.67 17.60
N ALA A 439 -31.19 -3.97 17.30
CA ALA A 439 -31.22 -5.07 18.30
C ALA A 439 -29.86 -5.23 19.00
N ASN A 440 -28.82 -4.53 18.52
CA ASN A 440 -27.43 -4.60 19.07
C ASN A 440 -26.96 -6.06 19.07
N GLN A 441 -27.26 -6.81 18.01
CA GLN A 441 -26.94 -8.26 17.90
C GLN A 441 -25.42 -8.43 17.74
N VAL A 442 -24.82 -9.24 18.61
CA VAL A 442 -23.36 -9.56 18.62
C VAL A 442 -23.20 -11.08 18.85
N ASP A 443 -22.77 -11.81 17.81
CA ASP A 443 -22.60 -13.29 17.84
C ASP A 443 -21.30 -13.62 18.58
N LEU A 444 -21.36 -13.76 19.91
CA LEU A 444 -20.23 -14.15 20.79
C LEU A 444 -20.08 -15.67 20.80
N ASP A 445 -21.08 -16.40 20.29
CA ASP A 445 -21.05 -17.88 20.32
C ASP A 445 -20.19 -18.44 19.19
N SER A 446 -19.90 -17.65 18.15
CA SER A 446 -19.09 -18.19 17.04
C SER A 446 -17.58 -17.99 17.30
N LEU A 447 -17.24 -17.32 18.40
CA LEU A 447 -15.82 -17.06 18.74
C LEU A 447 -15.32 -18.05 19.79
N VAL A 448 -16.15 -19.05 20.13
CA VAL A 448 -15.84 -20.03 21.22
C VAL A 448 -14.59 -20.88 20.93
N GLY A 449 -14.41 -21.42 19.73
CA GLY A 449 -13.21 -22.23 19.53
C GLY A 449 -12.18 -21.43 18.78
N SER A 450 -11.08 -21.05 19.43
CA SER A 450 -10.06 -20.22 18.76
C SER A 450 -8.65 -20.75 18.98
N GLY A 451 -8.26 -20.96 20.24
CA GLY A 451 -6.87 -21.36 20.53
C GLY A 451 -6.14 -20.12 21.01
N LEU A 452 -6.87 -19.01 21.10
CA LEU A 452 -6.32 -17.72 21.58
C LEU A 452 -6.18 -17.77 23.11
N SER A 453 -5.33 -16.90 23.66
CA SER A 453 -5.17 -16.67 25.12
C SER A 453 -6.46 -16.05 25.68
N GLU A 454 -6.64 -16.08 26.99
CA GLU A 454 -7.82 -15.53 27.70
C GLU A 454 -7.91 -14.02 27.44
N ARG A 455 -6.77 -13.35 27.30
CA ARG A 455 -6.67 -11.90 26.99
C ARG A 455 -7.06 -11.65 25.53
N ASN A 456 -6.58 -12.50 24.60
CA ASN A 456 -6.82 -12.35 23.13
C ASN A 456 -8.27 -12.73 22.79
N GLU A 457 -8.91 -13.57 23.61
CA GLU A 457 -10.36 -13.89 23.51
C GLU A 457 -11.18 -12.67 23.95
N ARG A 458 -10.70 -11.95 24.98
CA ARG A 458 -11.32 -10.69 25.48
C ARG A 458 -11.24 -9.63 24.37
N HIS A 459 -10.06 -9.47 23.74
CA HIS A 459 -9.82 -8.58 22.57
C HIS A 459 -10.82 -8.92 21.47
N LEU A 460 -11.10 -10.21 21.25
CA LEU A 460 -12.01 -10.72 20.19
C LEU A 460 -13.46 -10.33 20.52
N ARG A 461 -13.91 -10.58 21.75
CA ARG A 461 -15.26 -10.17 22.26
C ARG A 461 -15.46 -8.69 21.97
N HIS A 462 -14.51 -7.85 22.40
CA HIS A 462 -14.56 -6.37 22.36
C HIS A 462 -14.64 -5.86 20.91
N ALA A 463 -13.89 -6.48 19.99
CA ALA A 463 -13.85 -6.12 18.56
C ALA A 463 -15.22 -6.39 17.92
N ALA A 464 -15.87 -7.50 18.28
CA ALA A 464 -17.22 -7.89 17.80
C ALA A 464 -18.26 -6.88 18.29
N GLU A 465 -18.14 -6.45 19.55
CA GLU A 465 -19.02 -5.41 20.17
C GLU A 465 -18.80 -4.06 19.48
N GLN A 466 -17.53 -3.71 19.21
CA GLN A 466 -17.14 -2.45 18.52
C GLN A 466 -17.65 -2.47 17.07
N ALA A 467 -17.65 -3.64 16.43
CA ALA A 467 -18.22 -3.86 15.08
C ALA A 467 -19.68 -3.41 15.07
N ARG A 468 -20.48 -3.88 16.04
CA ARG A 468 -21.93 -3.56 16.14
C ARG A 468 -22.11 -2.06 16.41
N LYS A 469 -21.36 -1.50 17.38
CA LYS A 469 -21.38 -0.06 17.73
C LYS A 469 -21.10 0.78 16.49
N PHE A 470 -20.12 0.37 15.68
CA PHE A 470 -19.70 1.03 14.41
C PHE A 470 -20.91 1.21 13.49
N SER A 471 -21.74 0.18 13.34
CA SER A 471 -22.93 0.16 12.46
C SER A 471 -24.02 1.11 13.02
N ARG A 472 -24.21 1.10 14.34
CA ARG A 472 -25.21 1.94 15.05
C ARG A 472 -24.87 3.42 14.81
N LEU A 473 -23.58 3.77 14.91
CA LEU A 473 -23.04 5.12 14.57
C LEU A 473 -23.44 5.47 13.13
N CYS A 474 -23.06 4.61 12.18
CA CYS A 474 -23.30 4.79 10.72
C CYS A 474 -24.79 5.02 10.46
N ARG A 475 -25.65 4.33 11.20
CA ARG A 475 -27.12 4.48 11.05
C ARG A 475 -27.54 5.87 11.55
N GLU A 476 -27.01 6.30 12.70
CA GLU A 476 -27.40 7.62 13.24
C GLU A 476 -27.00 8.72 12.26
N LEU A 477 -25.78 8.65 11.71
CA LEU A 477 -25.31 9.68 10.74
C LEU A 477 -26.18 9.64 9.49
N SER A 478 -26.49 8.43 9.00
CA SER A 478 -27.33 8.28 7.78
C SER A 478 -28.72 8.85 8.07
N GLN A 479 -29.26 8.58 9.26
CA GLN A 479 -30.59 9.15 9.63
C GLN A 479 -30.49 10.67 9.72
N ARG A 480 -29.38 11.15 10.29
CA ARG A 480 -29.18 12.61 10.52
C ARG A 480 -29.13 13.37 9.19
N TYR A 481 -28.52 12.81 8.14
CA TYR A 481 -28.47 13.55 6.85
C TYR A 481 -29.19 12.76 5.75
N PRO A 482 -30.36 13.22 5.27
CA PRO A 482 -31.08 12.50 4.21
C PRO A 482 -30.29 12.41 2.91
N ASP A 483 -29.56 13.48 2.58
CA ASP A 483 -28.79 13.54 1.30
C ASP A 483 -27.32 13.19 1.57
N LEU A 484 -26.80 12.17 0.86
CA LEU A 484 -25.39 11.74 1.03
C LEU A 484 -24.47 12.93 0.70
N ALA A 485 -24.76 13.62 -0.41
CA ALA A 485 -24.00 14.81 -0.83
C ALA A 485 -23.82 15.77 0.36
N ALA A 486 -24.86 15.91 1.19
CA ALA A 486 -24.84 16.71 2.44
C ALA A 486 -23.94 16.03 3.48
N LEU A 487 -24.08 14.72 3.64
CA LEU A 487 -23.27 13.87 4.56
C LEU A 487 -21.79 13.95 4.17
N SER A 488 -21.51 13.98 2.87
CA SER A 488 -20.13 13.97 2.28
C SER A 488 -19.40 15.27 2.61
N GLU A 489 -20.11 16.31 3.08
CA GLU A 489 -19.55 17.61 3.51
C GLU A 489 -18.77 17.43 4.82
N HIS A 490 -19.24 16.54 5.70
CA HIS A 490 -18.69 16.32 7.07
C HIS A 490 -17.48 15.38 6.99
N GLU A 491 -16.34 15.91 6.55
CA GLU A 491 -15.14 15.15 6.11
C GLU A 491 -14.43 14.53 7.33
N ARG A 492 -14.26 15.29 8.42
CA ARG A 492 -13.54 14.83 9.64
C ARG A 492 -14.19 13.56 10.18
N LYS A 493 -15.52 13.59 10.38
CA LYS A 493 -16.29 12.44 10.94
C LYS A 493 -16.14 11.21 10.03
N LEU A 494 -16.19 11.41 8.71
CA LEU A 494 -16.12 10.30 7.71
C LEU A 494 -14.70 9.72 7.67
N ILE A 495 -13.67 10.55 7.83
CA ILE A 495 -12.24 10.12 7.91
C ILE A 495 -12.09 9.23 9.15
N LEU A 496 -12.55 9.71 10.31
CA LEU A 496 -12.48 8.99 11.62
C LEU A 496 -13.17 7.62 11.50
N ILE A 497 -14.30 7.57 10.78
CA ILE A 497 -15.07 6.32 10.53
C ILE A 497 -14.24 5.38 9.66
N GLY A 498 -13.62 5.92 8.60
CA GLY A 498 -12.65 5.20 7.77
C GLY A 498 -11.55 4.58 8.61
N GLN A 499 -10.92 5.39 9.48
CA GLN A 499 -9.87 4.96 10.44
C GLN A 499 -10.42 3.83 11.32
N LEU A 500 -11.59 4.04 11.94
CA LEU A 500 -12.19 3.08 12.91
C LEU A 500 -12.35 1.72 12.24
N SER A 501 -12.86 1.69 11.00
CA SER A 501 -13.09 0.46 10.21
C SER A 501 -11.76 -0.28 9.99
N ASN A 502 -10.67 0.47 9.73
CA ASN A 502 -9.31 -0.09 9.47
C ASN A 502 -8.75 -0.70 10.77
N GLU A 503 -8.91 -0.03 11.91
CA GLU A 503 -8.41 -0.49 13.23
C GLU A 503 -9.03 -1.86 13.56
N LEU A 504 -10.35 -2.00 13.39
CA LEU A 504 -11.10 -3.25 13.71
C LEU A 504 -10.70 -4.38 12.76
N LEU A 505 -10.49 -4.08 11.46
CA LEU A 505 -10.00 -5.08 10.49
C LEU A 505 -8.62 -5.58 10.93
N ALA A 506 -7.71 -4.66 11.29
CA ALA A 506 -6.33 -4.95 11.73
C ALA A 506 -6.37 -5.88 12.96
N VAL A 507 -7.19 -5.53 13.95
CA VAL A 507 -7.38 -6.33 15.21
C VAL A 507 -7.85 -7.73 14.82
N ALA A 508 -8.88 -7.83 13.97
CA ALA A 508 -9.52 -9.09 13.55
C ALA A 508 -8.47 -10.02 12.92
N LEU A 509 -7.76 -9.54 11.90
CA LEU A 509 -6.77 -10.35 11.14
C LEU A 509 -5.60 -10.74 12.05
N VAL A 510 -5.17 -9.84 12.94
CA VAL A 510 -4.05 -10.09 13.91
C VAL A 510 -4.44 -11.27 14.80
N LEU A 511 -5.67 -11.27 15.35
CA LEU A 511 -6.18 -12.34 16.25
C LEU A 511 -6.28 -13.65 15.47
N ALA A 512 -6.79 -13.61 14.23
CA ALA A 512 -6.94 -14.77 13.33
C ALA A 512 -5.57 -15.42 13.07
N ARG A 513 -4.59 -14.62 12.65
CA ARG A 513 -3.21 -15.08 12.36
C ARG A 513 -2.57 -15.64 13.64
N ALA A 514 -2.78 -14.97 14.77
CA ALA A 514 -2.26 -15.37 16.10
C ALA A 514 -2.77 -16.77 16.43
N ALA A 515 -4.09 -16.97 16.37
CA ALA A 515 -4.76 -18.27 16.61
C ALA A 515 -4.10 -19.35 15.75
N ARG A 516 -3.87 -19.07 14.47
CA ARG A 516 -3.32 -20.05 13.49
C ARG A 516 -1.88 -20.38 13.88
N LEU A 517 -1.00 -19.38 13.99
CA LEU A 517 0.46 -19.58 14.20
C LEU A 517 0.73 -20.16 15.60
N ALA A 518 -0.06 -19.75 16.61
CA ALA A 518 -0.03 -20.34 17.98
C ALA A 518 -0.44 -21.81 17.91
N GLY A 519 -1.50 -22.11 17.15
CA GLY A 519 -1.99 -23.48 16.91
C GLY A 519 -0.92 -24.38 16.30
N ASP A 520 -0.02 -23.80 15.49
CA ASP A 520 1.06 -24.53 14.78
C ASP A 520 2.39 -24.41 15.54
N GLY A 521 2.36 -23.90 16.78
CA GLY A 521 3.47 -24.01 17.75
C GLY A 521 4.36 -22.77 17.81
N GLN A 522 3.83 -21.59 17.51
CA GLN A 522 4.54 -20.29 17.64
C GLN A 522 3.85 -19.46 18.74
N ASP A 523 4.24 -19.65 20.01
CA ASP A 523 3.53 -19.13 21.20
C ASP A 523 3.76 -17.62 21.37
N ARG A 524 4.81 -17.07 20.78
CA ARG A 524 5.09 -15.59 20.77
C ARG A 524 3.94 -14.85 20.09
N ALA A 525 3.28 -15.47 19.11
CA ALA A 525 2.16 -14.90 18.31
C ALA A 525 1.06 -14.37 19.23
N GLN A 526 0.78 -15.05 20.34
CA GLN A 526 -0.27 -14.66 21.33
C GLN A 526 0.11 -13.30 21.95
N ALA A 527 1.38 -13.13 22.34
CA ALA A 527 1.92 -11.91 22.97
C ALA A 527 1.85 -10.75 21.95
N LEU A 528 2.36 -10.97 20.75
CA LEU A 528 2.39 -9.96 19.64
C LEU A 528 0.97 -9.48 19.36
N ALA A 529 0.03 -10.40 19.19
CA ALA A 529 -1.42 -10.13 19.00
C ALA A 529 -1.92 -9.26 20.16
N ASP A 530 -1.57 -9.64 21.40
CA ASP A 530 -2.01 -8.98 22.66
C ASP A 530 -1.52 -7.52 22.67
N VAL A 531 -0.24 -7.30 22.33
CA VAL A 531 0.37 -5.94 22.27
C VAL A 531 -0.42 -5.08 21.27
N PHE A 532 -0.65 -5.59 20.06
CA PHE A 532 -1.27 -4.82 18.95
C PHE A 532 -2.70 -4.40 19.32
N CYS A 533 -3.51 -5.34 19.79
CA CYS A 533 -4.96 -5.14 20.08
C CYS A 533 -5.13 -4.15 21.24
N THR A 534 -4.23 -4.20 22.22
CA THR A 534 -4.18 -3.24 23.36
C THR A 534 -3.98 -1.82 22.79
N GLY A 535 -2.98 -1.63 21.94
CA GLY A 535 -2.68 -0.37 21.25
C GLY A 535 -3.85 0.11 20.41
N ALA A 536 -4.38 -0.76 19.55
CA ALA A 536 -5.57 -0.52 18.71
C ALA A 536 -6.75 -0.09 19.61
N GLY A 537 -6.90 -0.76 20.76
CA GLY A 537 -7.90 -0.45 21.79
C GLY A 537 -7.89 1.03 22.15
N HIS A 538 -6.70 1.61 22.34
CA HIS A 538 -6.50 3.04 22.69
C HIS A 538 -6.83 3.92 21.48
N ARG A 539 -6.41 3.53 20.28
CA ARG A 539 -6.65 4.29 19.02
C ARG A 539 -8.16 4.34 18.75
N ILE A 540 -8.87 3.22 18.96
CA ILE A 540 -10.34 3.12 18.76
C ILE A 540 -11.05 4.07 19.73
N ALA A 541 -10.71 3.98 21.02
CA ALA A 541 -11.24 4.85 22.10
C ALA A 541 -11.03 6.34 21.73
N ASP A 542 -9.82 6.68 21.28
CA ASP A 542 -9.44 8.04 20.82
C ASP A 542 -10.38 8.46 19.68
N ILE A 543 -10.57 7.58 18.67
CA ILE A 543 -11.42 7.85 17.48
C ILE A 543 -12.86 8.12 17.93
N TRP A 544 -13.40 7.30 18.84
CA TRP A 544 -14.77 7.46 19.41
C TRP A 544 -14.89 8.83 20.11
N HIS A 545 -13.90 9.20 20.92
CA HIS A 545 -13.85 10.47 21.69
C HIS A 545 -14.01 11.64 20.71
N GLN A 546 -13.27 11.61 19.60
CA GLN A 546 -13.32 12.64 18.53
C GLN A 546 -14.69 12.62 17.83
N LEU A 547 -15.25 11.43 17.61
CA LEU A 547 -16.59 11.24 16.99
C LEU A 547 -17.68 11.80 17.92
N ALA A 548 -17.47 11.73 19.24
CA ALA A 548 -18.45 12.11 20.28
C ALA A 548 -18.44 13.62 20.56
N GLU A 549 -17.49 14.37 19.98
CA GLU A 549 -17.46 15.86 20.02
C GLU A 549 -18.89 16.39 19.81
N GLU A 550 -19.46 17.07 20.81
CA GLU A 550 -20.84 17.64 20.73
C GLU A 550 -20.78 18.93 19.88
N GLU A 551 -20.09 19.96 20.37
CA GLU A 551 -19.95 21.28 19.70
C GLU A 551 -18.56 21.40 19.06
N THR A 552 -18.50 21.84 17.81
CA THR A 552 -17.26 22.07 17.02
C THR A 552 -16.79 23.50 17.25
N PRO A 553 -15.45 23.74 17.34
CA PRO A 553 -14.93 25.11 17.39
C PRO A 553 -15.09 25.82 16.04
N ASP A 554 -14.95 27.15 16.03
CA ASP A 554 -15.00 28.00 14.81
C ASP A 554 -13.64 27.89 14.11
N TYR A 555 -13.38 26.75 13.48
CA TYR A 555 -12.09 26.43 12.81
C TYR A 555 -11.89 27.30 11.57
N ARG A 556 -12.98 27.82 10.98
CA ARG A 556 -12.93 28.69 9.78
C ARG A 556 -12.31 30.04 10.15
N SER A 557 -12.69 30.60 11.30
CA SER A 557 -12.09 31.84 11.87
C SER A 557 -10.59 31.60 12.13
N ALA A 558 -10.26 30.44 12.71
CA ALA A 558 -8.88 30.03 13.08
C ALA A 558 -8.03 29.85 11.81
N ALA A 559 -8.57 29.19 10.79
CA ALA A 559 -7.90 28.89 9.50
C ALA A 559 -7.42 30.19 8.84
N ALA A 560 -8.22 31.26 8.90
CA ALA A 560 -7.94 32.58 8.31
C ALA A 560 -6.71 33.21 8.99
#